data_7XN9
#
_entry.id   7XN9
#
_cell.length_a   74.520
_cell.length_b   97.957
_cell.length_c   170.499
_cell.angle_alpha   90.000
_cell.angle_beta   90.000
_cell.angle_gamma   90.000
#
_symmetry.space_group_name_H-M   'C 2 2 21'
#
loop_
_entity.id
_entity.type
_entity.pdbx_description
1 polymer 'Somatostatin receptor type 2,Endo-1,4-beta-xylanase'
2 non-polymer '4-(2-HYDROXYETHYL)-1-PIPERAZINE ETHANESULFONIC ACID'
3 non-polymer 'tert-butyl (2S)-6-azanyl-2-[[(2R,3S)-3-(1H-indol-3-yl)-2-[[4-(2-oxidanylidene-3H-benzimidazol-1-yl)piperidin-1-yl]carbonylamino]butanoyl]amino]hexanoate'
#
_entity_poly.entity_id   1
_entity_poly.type   'polypeptide(L)'
_entity_poly.pdbx_seq_one_letter_code
;MKTIIALSYIFCLVFADYKDDDDGAPDMADEPLNGSHTWLSIPFDLNGSVVSTNTSNQTEPYYDLTSNAVLTFIYFVVCI
IGLCGNTLVIYVILRYAKMKTITNIYILNLAIADELFMLGLPFLAMQVALEHWPFGKAICRVVMTVDGINQFTSIFCLTV
MSIDRYLAVVHPIKSAKWRRPRTAKMITMAVWGVSLLVILPIMIYAGLRSNQWGRSSCTINWPGESGAWYTGFIIYTFIL
GFLVPLTIICLCYLFIIIKVKSSGASTDYWQNWTFGGGIVNAVNGSGGNYSVNWSNTGNFVVGKGWTTGSPFRTINYNAG
VWAPNGNGYLTLYGWTRSPLIEYYVVDSWGTYRPTGTYKGTVKSDGGTYDIYTTTRYNAPSIDGDDTTFTQYWSVRQSKR
PTGSNATITFTNHVNAWKSHGMNLGSNWAYQVMATEGYQSSGSSNVTVWGSSKRKKSEKKVTRMVSIVVAVFIFCWLPFY
IFNVSSVSMAISPTPALKGMFDFVVVLTYANSCANPILYAFLDDNFKKSFQNVLCLVKVSGTDDGERSDSKQDKSRLNET
TETQRTEFLEVLFQGPHHHHHHHHHHEPE
;
_entity_poly.pdbx_strand_id   A
#
loop_
_chem_comp.id
_chem_comp.type
_chem_comp.name
_chem_comp.formula
EPE non-polymer '4-(2-HYDROXYETHYL)-1-PIPERAZINE ETHANESULFONIC ACID' 'C8 H18 N2 O4 S'
GI9 non-polymer 'tert-butyl (2S)-6-azanyl-2-[[(2R,3S)-3-(1H-indol-3-yl)-2-[[4-(2-oxidanylidene-3H-benzimidazol-1-yl)piperidin-1-yl]carbonylamino]butanoyl]amino]hexanoate' 'C35 H47 N7 O5'
#
# COMPACT_ATOMS: atom_id res chain seq x y z
N TYR A 62 31.80 8.27 32.25
CA TYR A 62 31.00 9.37 31.72
C TYR A 62 31.29 9.67 30.24
N TYR A 63 32.20 8.90 29.65
CA TYR A 63 32.44 8.96 28.21
C TYR A 63 32.99 7.62 27.77
N ASP A 64 32.41 7.06 26.70
CA ASP A 64 32.75 5.74 26.17
C ASP A 64 33.34 5.95 24.77
N LEU A 65 34.68 6.00 24.70
CA LEU A 65 35.35 6.26 23.43
C LEU A 65 34.99 5.21 22.37
N THR A 66 34.84 3.95 22.78
CA THR A 66 34.49 2.90 21.84
C THR A 66 33.06 3.08 21.32
N SER A 67 32.09 3.26 22.23
CA SER A 67 30.72 3.53 21.83
C SER A 67 30.63 4.81 21.00
N ASN A 68 31.57 5.73 21.20
CA ASN A 68 31.61 6.91 20.35
C ASN A 68 32.16 6.56 18.97
N ALA A 69 33.17 5.70 18.91
CA ALA A 69 33.83 5.38 17.65
C ALA A 69 32.92 4.56 16.75
N VAL A 70 32.18 3.62 17.33
CA VAL A 70 31.30 2.80 16.52
C VAL A 70 30.19 3.66 15.91
N LEU A 71 29.74 4.69 16.65
CA LEU A 71 28.72 5.60 16.13
C LEU A 71 29.28 6.50 15.05
N THR A 72 30.53 6.93 15.19
CA THR A 72 31.15 7.69 14.11
C THR A 72 31.26 6.82 12.86
N PHE A 73 31.54 5.52 13.04
CA PHE A 73 31.62 4.60 11.92
C PHE A 73 30.26 4.45 11.23
N ILE A 74 29.19 4.34 12.02
CA ILE A 74 27.85 4.18 11.45
C ILE A 74 27.44 5.41 10.64
N TYR A 75 27.73 6.62 11.15
CA TYR A 75 27.53 7.83 10.35
C TYR A 75 28.16 7.69 8.98
N PHE A 76 29.40 7.20 8.92
CA PHE A 76 30.08 7.17 7.63
C PHE A 76 29.50 6.09 6.72
N VAL A 77 29.12 4.94 7.27
CA VAL A 77 28.47 3.94 6.44
C VAL A 77 27.20 4.49 5.82
N VAL A 78 26.38 5.17 6.62
CA VAL A 78 25.12 5.68 6.11
C VAL A 78 25.37 6.64 4.95
N CYS A 79 26.30 7.57 5.15
CA CYS A 79 26.65 8.53 4.10
C CYS A 79 26.98 7.84 2.78
N ILE A 80 27.73 6.73 2.85
CA ILE A 80 28.17 6.04 1.64
C ILE A 80 26.99 5.35 0.97
N ILE A 81 26.24 4.56 1.75
CA ILE A 81 25.13 3.81 1.17
C ILE A 81 24.12 4.75 0.56
N GLY A 82 23.90 5.89 1.22
CA GLY A 82 22.92 6.84 0.72
C GLY A 82 23.37 7.60 -0.51
N LEU A 83 24.66 7.94 -0.58
CA LEU A 83 25.16 8.61 -1.79
C LEU A 83 25.23 7.66 -2.99
N CYS A 84 25.52 6.37 -2.79
CA CYS A 84 25.47 5.42 -3.91
C CYS A 84 24.06 5.31 -4.48
N GLY A 85 23.11 4.92 -3.63
CA GLY A 85 21.79 4.64 -4.13
C GLY A 85 21.11 5.85 -4.70
N ASN A 86 21.25 7.00 -4.04
CA ASN A 86 20.62 8.20 -4.57
C ASN A 86 21.31 8.66 -5.84
N THR A 87 22.63 8.47 -5.97
CA THR A 87 23.27 8.83 -7.23
C THR A 87 22.77 7.93 -8.34
N LEU A 88 22.58 6.65 -8.02
CA LEU A 88 22.02 5.67 -8.94
C LEU A 88 20.61 6.06 -9.37
N VAL A 89 19.80 6.58 -8.44
CA VAL A 89 18.41 6.93 -8.74
C VAL A 89 18.35 8.18 -9.62
N ILE A 90 19.22 9.16 -9.36
CA ILE A 90 19.27 10.37 -10.20
C ILE A 90 19.74 10.04 -11.61
N TYR A 91 20.76 9.18 -11.73
CA TYR A 91 21.28 8.81 -13.04
C TYR A 91 20.23 8.13 -13.92
N VAL A 92 19.53 7.13 -13.38
CA VAL A 92 18.62 6.35 -14.24
C VAL A 92 17.41 7.21 -14.63
N ILE A 93 16.92 8.06 -13.72
CA ILE A 93 15.83 8.93 -14.10
C ILE A 93 16.29 9.92 -15.17
N LEU A 94 17.46 10.52 -15.00
CA LEU A 94 17.92 11.54 -15.94
C LEU A 94 18.38 10.95 -17.28
N ARG A 95 19.10 9.85 -17.25
CA ARG A 95 19.53 9.20 -18.48
C ARG A 95 18.54 8.46 -19.37
N TYR A 96 17.65 7.69 -18.78
CA TYR A 96 16.73 6.86 -19.54
C TYR A 96 15.35 7.41 -19.79
N ALA A 97 14.89 7.25 -21.02
CA ALA A 97 13.60 7.72 -21.48
C ALA A 97 12.43 7.10 -20.78
N LYS A 98 12.58 5.83 -20.43
CA LYS A 98 11.57 5.05 -19.75
C LYS A 98 11.19 5.62 -18.41
N MET A 99 12.14 6.20 -17.71
CA MET A 99 11.93 6.77 -16.41
C MET A 99 11.32 8.15 -16.39
N LYS A 100 11.04 8.75 -17.53
CA LYS A 100 10.46 10.05 -17.53
C LYS A 100 8.97 10.01 -17.30
N THR A 101 8.57 9.84 -16.05
CA THR A 101 7.18 9.82 -15.69
C THR A 101 6.96 10.92 -14.68
N ILE A 102 5.73 11.35 -14.53
CA ILE A 102 5.46 12.43 -13.59
C ILE A 102 5.94 12.05 -12.20
N THR A 103 5.58 10.85 -11.74
CA THR A 103 5.94 10.46 -10.39
C THR A 103 7.45 10.55 -10.20
N ASN A 104 8.20 10.23 -11.25
CA ASN A 104 9.66 10.25 -11.19
C ASN A 104 10.23 11.67 -11.18
N ILE A 105 9.45 12.68 -11.60
CA ILE A 105 9.86 14.05 -11.38
C ILE A 105 9.94 14.35 -9.88
N TYR A 106 8.95 13.90 -9.10
CA TYR A 106 9.02 14.07 -7.65
C TYR A 106 10.13 13.22 -7.05
N ILE A 107 10.31 11.99 -7.54
CA ILE A 107 11.30 11.13 -6.91
C ILE A 107 12.70 11.68 -7.14
N LEU A 108 12.96 12.17 -8.35
CA LEU A 108 14.19 12.87 -8.65
C LEU A 108 14.49 13.96 -7.62
N ASN A 109 13.48 14.78 -7.29
CA ASN A 109 13.71 15.85 -6.34
C ASN A 109 13.97 15.30 -4.93
N LEU A 110 13.20 14.29 -4.51
CA LEU A 110 13.52 13.61 -3.27
C LEU A 110 14.94 13.08 -3.31
N ALA A 111 15.35 12.50 -4.44
CA ALA A 111 16.70 11.95 -4.59
C ALA A 111 17.77 13.03 -4.54
N ILE A 112 17.58 14.16 -5.23
CA ILE A 112 18.51 15.30 -5.11
C ILE A 112 18.56 15.83 -3.66
N ALA A 113 17.41 15.98 -3.02
CA ALA A 113 17.42 16.37 -1.61
C ALA A 113 18.14 15.35 -0.73
N ASP A 114 17.90 14.05 -0.95
CA ASP A 114 18.59 13.06 -0.11
C ASP A 114 20.09 13.07 -0.40
N GLU A 115 20.47 13.20 -1.67
CA GLU A 115 21.88 13.32 -2.04
C GLU A 115 22.57 14.47 -1.32
N LEU A 116 21.99 15.68 -1.38
CA LEU A 116 22.64 16.82 -0.73
C LEU A 116 22.68 16.64 0.79
N PHE A 117 21.64 16.02 1.34
CA PHE A 117 21.57 15.68 2.75
C PHE A 117 22.81 14.89 3.18
N MET A 118 23.19 13.89 2.39
CA MET A 118 24.33 13.05 2.73
C MET A 118 25.63 13.86 2.77
N LEU A 119 25.73 14.92 1.96
CA LEU A 119 26.96 15.70 1.90
C LEU A 119 27.27 16.43 3.19
N GLY A 120 26.28 16.66 4.05
CA GLY A 120 26.59 17.27 5.33
C GLY A 120 27.04 16.28 6.39
N LEU A 121 26.81 14.99 6.14
CA LEU A 121 27.12 13.99 7.14
C LEU A 121 28.58 13.97 7.57
N PRO A 122 29.58 14.14 6.68
CA PRO A 122 30.97 14.12 7.16
C PRO A 122 31.23 15.15 8.25
N PHE A 123 30.91 16.42 7.97
CA PHE A 123 31.02 17.47 8.99
C PHE A 123 30.40 17.06 10.31
N LEU A 124 29.19 16.51 10.29
CA LEU A 124 28.51 16.23 11.55
C LEU A 124 29.14 15.03 12.26
N ALA A 125 29.73 14.10 11.51
CA ALA A 125 30.37 12.95 12.15
C ALA A 125 31.58 13.36 12.96
N MET A 126 32.29 14.42 12.54
CA MET A 126 33.41 14.91 13.33
C MET A 126 32.97 15.38 14.70
N GLN A 127 31.76 15.96 14.75
CA GLN A 127 31.21 16.44 16.01
C GLN A 127 30.72 15.28 16.88
N VAL A 128 30.28 14.19 16.26
CA VAL A 128 29.96 12.98 17.01
C VAL A 128 31.21 12.36 17.60
N ALA A 129 32.30 12.33 16.83
CA ALA A 129 33.52 11.67 17.28
C ALA A 129 34.27 12.50 18.29
N LEU A 130 34.25 13.82 18.11
CA LEU A 130 35.05 14.71 18.93
C LEU A 130 34.27 15.49 19.96
N GLU A 131 32.95 15.59 19.82
CA GLU A 131 32.15 16.58 20.55
C GLU A 131 32.76 17.97 20.40
N HIS A 132 33.27 18.25 19.19
CA HIS A 132 33.87 19.53 18.83
C HIS A 132 33.60 19.82 17.35
N TRP A 133 33.32 21.11 17.04
CA TRP A 133 33.12 21.57 15.67
C TRP A 133 34.40 22.23 15.19
N PRO A 134 35.12 21.66 14.24
CA PRO A 134 36.45 22.19 13.90
C PRO A 134 36.47 23.27 12.82
N PHE A 135 35.41 23.44 12.03
CA PHE A 135 35.52 24.19 10.79
C PHE A 135 35.07 25.64 10.91
N GLY A 136 35.10 26.21 12.11
CA GLY A 136 34.69 27.59 12.26
C GLY A 136 33.21 27.92 12.16
N LYS A 137 32.88 29.15 12.54
CA LYS A 137 31.49 29.62 12.66
C LYS A 137 30.79 29.70 11.31
N ALA A 138 31.53 30.06 10.25
CA ALA A 138 30.87 30.30 8.97
C ALA A 138 30.40 29.01 8.34
N ILE A 139 31.23 27.97 8.33
CA ILE A 139 30.79 26.72 7.75
C ILE A 139 29.68 26.09 8.59
N CYS A 140 29.64 26.37 9.91
CA CYS A 140 28.57 25.84 10.75
C CYS A 140 27.22 26.34 10.27
N ARG A 141 27.11 27.65 10.06
CA ARG A 141 25.90 28.25 9.51
C ARG A 141 25.55 27.66 8.15
N VAL A 142 26.55 27.43 7.30
CA VAL A 142 26.25 26.90 5.97
C VAL A 142 25.68 25.49 6.08
N VAL A 143 26.34 24.63 6.84
CA VAL A 143 25.93 23.22 6.91
C VAL A 143 24.54 23.11 7.55
N MET A 144 24.29 23.85 8.63
CA MET A 144 22.97 23.87 9.26
C MET A 144 21.90 24.40 8.31
N THR A 145 22.24 25.34 7.45
CA THR A 145 21.24 25.86 6.52
C THR A 145 20.95 24.88 5.37
N VAL A 146 21.99 24.32 4.76
CA VAL A 146 21.77 23.33 3.71
C VAL A 146 21.05 22.10 4.25
N ASP A 147 21.52 21.61 5.40
CA ASP A 147 20.86 20.49 6.07
C ASP A 147 19.37 20.75 6.24
N GLY A 148 18.99 21.96 6.63
CA GLY A 148 17.58 22.25 6.90
C GLY A 148 16.74 22.27 5.64
N ILE A 149 17.21 22.97 4.61
CA ILE A 149 16.48 23.03 3.34
C ILE A 149 16.21 21.64 2.82
N ASN A 150 17.19 20.75 2.92
CA ASN A 150 17.00 19.40 2.39
C ASN A 150 16.04 18.61 3.25
N GLN A 151 16.12 18.76 4.59
CA GLN A 151 15.15 18.13 5.47
C GLN A 151 13.71 18.47 5.09
N PHE A 152 13.43 19.74 4.83
CA PHE A 152 12.05 20.14 4.61
C PHE A 152 11.59 19.95 3.17
N THR A 153 12.52 20.04 2.19
CA THR A 153 12.20 19.66 0.82
C THR A 153 11.94 18.17 0.69
N SER A 154 12.68 17.34 1.45
CA SER A 154 12.42 15.91 1.52
C SER A 154 10.96 15.60 1.86
N ILE A 155 10.47 16.10 2.99
CA ILE A 155 9.10 15.73 3.36
C ILE A 155 8.03 16.46 2.51
N PHE A 156 8.27 17.71 2.12
CA PHE A 156 7.30 18.40 1.26
C PHE A 156 7.16 17.70 -0.09
N CYS A 157 8.26 17.13 -0.59
CA CYS A 157 8.20 16.32 -1.80
C CYS A 157 7.30 15.13 -1.62
N LEU A 158 7.52 14.40 -0.52
CA LEU A 158 6.68 13.27 -0.20
C LEU A 158 5.22 13.68 -0.13
N THR A 159 4.96 14.82 0.50
CA THR A 159 3.59 15.31 0.57
C THR A 159 3.00 15.53 -0.82
N VAL A 160 3.69 16.33 -1.65
CA VAL A 160 3.19 16.57 -2.99
C VAL A 160 3.01 15.25 -3.75
N MET A 161 3.94 14.32 -3.57
CA MET A 161 3.84 13.03 -4.25
C MET A 161 2.55 12.28 -3.86
N SER A 162 2.20 12.31 -2.57
CA SER A 162 0.96 11.67 -2.14
C SER A 162 -0.25 12.43 -2.66
N ILE A 163 -0.18 13.76 -2.68
CA ILE A 163 -1.29 14.49 -3.27
C ILE A 163 -1.48 14.08 -4.72
N ASP A 164 -0.37 13.86 -5.44
CA ASP A 164 -0.47 13.39 -6.82
C ASP A 164 -1.10 12.02 -6.90
N ARG A 165 -0.77 11.11 -5.97
CA ARG A 165 -1.40 9.79 -5.97
C ARG A 165 -2.90 9.90 -5.68
N TYR A 166 -3.27 10.78 -4.74
CA TYR A 166 -4.68 10.98 -4.45
C TYR A 166 -5.46 11.48 -5.68
N LEU A 167 -4.89 12.44 -6.41
CA LEU A 167 -5.56 12.96 -7.60
C LEU A 167 -5.73 11.88 -8.66
N ALA A 168 -4.69 11.07 -8.88
CA ALA A 168 -4.73 10.00 -9.89
C ALA A 168 -5.81 8.96 -9.60
N VAL A 169 -5.98 8.56 -8.33
CA VAL A 169 -6.92 7.49 -8.03
C VAL A 169 -8.34 8.04 -8.00
N VAL A 170 -8.55 9.18 -7.35
CA VAL A 170 -9.90 9.58 -6.94
C VAL A 170 -10.48 10.57 -7.93
N HIS A 171 -9.63 11.36 -8.59
CA HIS A 171 -10.09 12.36 -9.58
C HIS A 171 -9.29 12.28 -10.87
N PRO A 172 -9.18 11.11 -11.49
CA PRO A 172 -8.30 11.01 -12.66
C PRO A 172 -8.75 11.85 -13.85
N ILE A 173 -10.05 11.86 -14.15
CA ILE A 173 -10.54 12.56 -15.35
C ILE A 173 -10.28 14.06 -15.25
N LYS A 174 -10.52 14.64 -14.08
CA LYS A 174 -10.58 16.09 -13.97
C LYS A 174 -9.18 16.70 -13.93
N SER A 175 -8.23 16.02 -13.32
CA SER A 175 -6.86 16.52 -13.23
C SER A 175 -5.97 15.97 -14.35
N ALA A 176 -6.51 15.76 -15.55
CA ALA A 176 -5.66 15.50 -16.70
C ALA A 176 -4.75 16.69 -16.98
N LYS A 177 -5.18 17.88 -16.56
CA LYS A 177 -4.42 19.10 -16.82
C LYS A 177 -3.40 19.36 -15.71
N TRP A 178 -3.70 18.91 -14.49
CA TRP A 178 -2.80 19.12 -13.36
C TRP A 178 -1.62 18.17 -13.37
N ARG A 179 -1.68 17.07 -14.13
CA ARG A 179 -0.64 16.05 -14.14
C ARG A 179 0.16 16.07 -15.44
N ARG A 180 0.39 17.27 -15.98
CA ARG A 180 1.32 17.45 -17.08
C ARG A 180 2.73 17.61 -16.52
N PRO A 181 3.73 17.08 -17.23
CA PRO A 181 5.11 17.16 -16.71
C PRO A 181 5.55 18.58 -16.37
N ARG A 182 5.15 19.58 -17.16
CA ARG A 182 5.67 20.94 -16.98
C ARG A 182 5.16 21.57 -15.68
N THR A 183 3.97 21.20 -15.21
CA THR A 183 3.49 21.79 -13.98
C THR A 183 4.01 21.06 -12.74
N ALA A 184 4.31 19.75 -12.84
CA ALA A 184 5.03 19.08 -11.76
C ALA A 184 6.44 19.65 -11.59
N LYS A 185 7.04 20.13 -12.68
CA LYS A 185 8.32 20.82 -12.57
C LYS A 185 8.17 22.19 -11.93
N MET A 186 7.05 22.89 -12.19
CA MET A 186 6.82 24.12 -11.44
C MET A 186 6.53 23.81 -9.97
N ILE A 187 5.77 22.75 -9.70
CA ILE A 187 5.46 22.41 -8.30
C ILE A 187 6.74 22.14 -7.51
N THR A 188 7.69 21.39 -8.09
CA THR A 188 8.91 21.09 -7.34
C THR A 188 9.77 22.33 -7.13
N MET A 189 9.81 23.26 -8.08
CA MET A 189 10.56 24.49 -7.84
C MET A 189 9.97 25.27 -6.68
N ALA A 190 8.64 25.30 -6.57
CA ALA A 190 7.97 25.86 -5.41
C ALA A 190 8.46 25.20 -4.13
N VAL A 191 8.54 23.87 -4.13
CA VAL A 191 8.92 23.13 -2.91
C VAL A 191 10.27 23.61 -2.39
N TRP A 192 11.27 23.75 -3.26
CA TRP A 192 12.54 24.30 -2.84
C TRP A 192 12.40 25.75 -2.33
N GLY A 193 11.55 26.55 -2.96
CA GLY A 193 11.36 27.91 -2.49
C GLY A 193 10.78 27.97 -1.09
N VAL A 194 9.67 27.25 -0.87
CA VAL A 194 9.00 27.18 0.42
C VAL A 194 9.95 26.72 1.52
N SER A 195 10.79 25.70 1.24
CA SER A 195 11.76 25.24 2.23
C SER A 195 12.71 26.35 2.65
N LEU A 196 13.21 27.12 1.69
CA LEU A 196 14.12 28.23 1.96
C LEU A 196 13.51 29.25 2.91
N LEU A 197 12.21 29.52 2.77
CA LEU A 197 11.55 30.42 3.71
C LEU A 197 11.44 29.79 5.09
N VAL A 198 10.98 28.53 5.16
CA VAL A 198 10.74 27.85 6.43
C VAL A 198 12.03 27.69 7.25
N ILE A 199 13.20 27.63 6.61
CA ILE A 199 14.43 27.47 7.39
C ILE A 199 15.16 28.78 7.62
N LEU A 200 14.54 29.92 7.29
CA LEU A 200 15.16 31.19 7.63
C LEU A 200 15.60 31.27 9.09
N PRO A 201 14.82 30.81 10.09
CA PRO A 201 15.31 30.81 11.47
C PRO A 201 16.66 30.12 11.66
N ILE A 202 16.85 28.93 11.08
CA ILE A 202 18.14 28.24 11.21
C ILE A 202 19.24 29.11 10.65
N MET A 203 19.00 29.64 9.44
CA MET A 203 19.95 30.57 8.83
C MET A 203 20.43 31.62 9.82
N ILE A 204 19.49 32.31 10.46
CA ILE A 204 19.84 33.43 11.34
C ILE A 204 20.57 32.95 12.59
N TYR A 205 20.12 31.86 13.20
CA TYR A 205 20.52 31.56 14.56
C TYR A 205 21.46 30.37 14.69
N ALA A 206 21.84 29.72 13.59
CA ALA A 206 22.88 28.68 13.64
C ALA A 206 24.23 29.28 14.08
N GLY A 207 24.90 28.59 14.99
CA GLY A 207 26.16 29.09 15.51
C GLY A 207 26.87 28.10 16.41
N LEU A 208 27.88 28.59 17.12
CA LEU A 208 28.71 27.79 18.01
C LEU A 208 28.32 27.98 19.47
N ARG A 209 28.42 26.91 20.25
CA ARG A 209 28.15 26.95 21.68
C ARG A 209 29.21 26.13 22.41
N SER A 210 29.69 26.67 23.53
CA SER A 210 30.61 25.94 24.39
C SER A 210 29.90 24.74 25.02
N ASN A 211 30.69 23.74 25.41
CA ASN A 211 30.16 22.56 26.10
C ASN A 211 30.99 22.26 27.35
N GLN A 212 30.56 21.24 28.08
CA GLN A 212 31.19 20.84 29.34
C GLN A 212 32.57 20.24 29.15
N TRP A 213 32.90 19.76 27.96
CA TRP A 213 34.22 19.24 27.70
C TRP A 213 35.23 20.32 27.38
N GLY A 214 34.81 21.59 27.29
CA GLY A 214 35.69 22.66 26.88
C GLY A 214 35.80 22.88 25.39
N ARG A 215 34.85 22.38 24.59
CA ARG A 215 34.89 22.42 23.14
C ARG A 215 33.69 23.22 22.62
N SER A 216 33.58 23.34 21.32
CA SER A 216 32.52 24.12 20.68
C SER A 216 31.61 23.19 19.87
N SER A 217 30.31 23.27 20.13
CA SER A 217 29.32 22.56 19.31
C SER A 217 28.64 23.53 18.35
N CYS A 218 28.42 23.04 17.14
CA CYS A 218 27.53 23.66 16.19
C CYS A 218 26.10 23.25 16.54
N THR A 219 25.24 24.23 16.75
CA THR A 219 23.82 23.96 17.05
C THR A 219 23.01 25.18 16.60
N ILE A 220 21.78 25.29 17.06
CA ILE A 220 21.01 26.52 16.89
C ILE A 220 21.06 27.29 18.20
N ASN A 221 21.59 28.50 18.16
CA ASN A 221 21.66 29.30 19.36
C ASN A 221 20.27 29.75 19.76
N TRP A 222 20.03 29.84 21.06
CA TRP A 222 18.75 30.34 21.52
C TRP A 222 18.58 31.79 21.10
N PRO A 223 17.49 32.14 20.41
CA PRO A 223 17.33 33.53 19.96
C PRO A 223 17.05 34.44 21.16
N GLY A 224 17.79 35.53 21.25
CA GLY A 224 17.73 36.39 22.43
C GLY A 224 18.14 35.71 23.72
N GLU A 225 18.75 34.52 23.63
CA GLU A 225 19.20 33.73 24.78
C GLU A 225 18.04 33.26 25.66
N SER A 226 16.85 33.10 25.09
CA SER A 226 15.64 32.78 25.84
C SER A 226 15.17 31.37 25.49
N GLY A 227 15.02 30.52 26.52
CA GLY A 227 14.50 29.18 26.34
C GLY A 227 13.09 29.12 25.77
N ALA A 228 12.38 30.25 25.80
CA ALA A 228 11.04 30.31 25.20
C ALA A 228 11.12 30.22 23.69
N TRP A 229 12.05 30.98 23.08
CA TRP A 229 12.10 30.99 21.62
C TRP A 229 12.69 29.70 21.08
N TYR A 230 13.59 29.05 21.80
CA TYR A 230 14.01 27.72 21.39
C TYR A 230 12.82 26.77 21.42
N THR A 231 12.00 26.88 22.45
CA THR A 231 10.87 25.97 22.57
C THR A 231 9.88 26.17 21.44
N GLY A 232 9.55 27.43 21.13
CA GLY A 232 8.71 27.71 19.98
C GLY A 232 9.26 27.17 18.68
N PHE A 233 10.59 27.11 18.55
CA PHE A 233 11.21 26.62 17.32
C PHE A 233 11.12 25.11 17.22
N ILE A 234 11.23 24.42 18.36
CA ILE A 234 10.90 22.99 18.39
C ILE A 234 9.47 22.75 17.92
N ILE A 235 8.51 23.53 18.43
CA ILE A 235 7.11 23.30 18.07
C ILE A 235 6.88 23.56 16.58
N TYR A 236 7.40 24.70 16.11
CA TYR A 236 7.44 25.04 14.69
C TYR A 236 7.98 23.89 13.84
N THR A 237 9.18 23.38 14.15
CA THR A 237 9.75 22.34 13.30
C THR A 237 8.95 21.06 13.36
N PHE A 238 8.29 20.79 14.49
CA PHE A 238 7.52 19.54 14.62
C PHE A 238 6.22 19.60 13.82
N ILE A 239 5.63 20.80 13.74
CA ILE A 239 4.36 20.99 13.03
C ILE A 239 4.58 21.06 11.53
N LEU A 240 5.53 21.88 11.09
CA LEU A 240 5.77 22.02 9.65
C LEU A 240 6.58 20.86 9.09
N GLY A 241 7.49 20.31 9.88
CA GLY A 241 8.29 19.26 9.30
C GLY A 241 7.73 17.86 9.42
N PHE A 242 6.61 17.68 10.12
CA PHE A 242 6.26 16.32 10.47
C PHE A 242 4.75 16.13 10.60
N LEU A 243 4.10 16.90 11.48
CA LEU A 243 2.70 16.66 11.80
C LEU A 243 1.76 17.06 10.66
N VAL A 244 1.98 18.24 10.08
CA VAL A 244 1.11 18.74 9.01
C VAL A 244 1.32 17.96 7.71
N PRO A 245 2.55 17.72 7.25
CA PRO A 245 2.69 16.83 6.07
C PRO A 245 2.05 15.45 6.25
N LEU A 246 2.31 14.79 7.37
CA LEU A 246 1.79 13.45 7.59
C LEU A 246 0.28 13.46 7.66
N THR A 247 -0.31 14.48 8.27
CA THR A 247 -1.77 14.57 8.28
C THR A 247 -2.30 14.68 6.85
N ILE A 248 -1.62 15.47 6.01
CA ILE A 248 -2.03 15.59 4.62
C ILE A 248 -1.84 14.27 3.88
N ILE A 249 -0.71 13.61 4.10
CA ILE A 249 -0.44 12.37 3.37
C ILE A 249 -1.45 11.29 3.76
N CYS A 250 -1.73 11.15 5.08
CA CYS A 250 -2.59 10.06 5.55
C CYS A 250 -4.05 10.29 5.19
N LEU A 251 -4.52 11.53 5.19
CA LEU A 251 -5.86 11.76 4.68
C LEU A 251 -5.96 11.42 3.21
N CYS A 252 -4.93 11.79 2.46
CA CYS A 252 -4.85 11.43 1.04
C CYS A 252 -4.95 9.93 0.84
N TYR A 253 -4.28 9.16 1.68
CA TYR A 253 -4.27 7.72 1.49
C TYR A 253 -5.51 7.06 2.08
N LEU A 254 -6.11 7.66 3.10
CA LEU A 254 -7.42 7.20 3.56
C LEU A 254 -8.47 7.39 2.47
N PHE A 255 -8.43 8.53 1.77
CA PHE A 255 -9.38 8.73 0.68
C PHE A 255 -9.11 7.75 -0.45
N ILE A 256 -7.84 7.41 -0.68
CA ILE A 256 -7.48 6.47 -1.73
C ILE A 256 -8.04 5.08 -1.41
N ILE A 257 -7.86 4.62 -0.16
CA ILE A 257 -8.28 3.26 0.13
C ILE A 257 -9.81 3.18 0.28
N ILE A 258 -10.46 4.22 0.82
CA ILE A 258 -11.92 4.25 0.76
C ILE A 258 -12.40 4.12 -0.68
N LYS A 259 -11.81 4.90 -1.58
CA LYS A 259 -12.23 4.93 -2.98
C LYS A 259 -12.08 3.57 -3.64
N VAL A 260 -10.95 2.89 -3.41
CA VAL A 260 -10.68 1.64 -4.10
C VAL A 260 -11.69 0.58 -3.68
N LYS A 261 -11.84 0.39 -2.36
CA LYS A 261 -12.87 -0.51 -1.87
C LYS A 261 -14.25 -0.09 -2.36
N SER A 262 -14.45 1.20 -2.61
CA SER A 262 -15.74 1.67 -3.12
C SER A 262 -15.99 1.19 -4.54
N SER A 263 -14.94 0.89 -5.30
CA SER A 263 -15.11 0.31 -6.61
C SER A 263 -15.37 -1.18 -6.44
N GLY A 264 -15.49 -1.89 -7.55
CA GLY A 264 -15.72 -3.31 -7.39
C GLY A 264 -14.47 -4.15 -7.51
N ALA A 265 -13.29 -3.53 -7.49
CA ALA A 265 -12.07 -4.27 -7.77
C ALA A 265 -11.85 -5.38 -6.75
N SER A 266 -12.34 -5.21 -5.53
CA SER A 266 -12.11 -6.17 -4.47
C SER A 266 -13.44 -6.66 -3.92
N THR A 267 -13.43 -7.90 -3.42
CA THR A 267 -14.60 -8.50 -2.80
C THR A 267 -14.84 -7.90 -1.43
N ASP A 268 -16.11 -7.85 -1.03
CA ASP A 268 -16.51 -7.19 0.21
C ASP A 268 -17.55 -7.97 0.98
N TYR A 269 -17.62 -9.29 0.79
CA TYR A 269 -18.62 -10.10 1.49
C TYR A 269 -18.04 -11.50 1.80
N TRP A 270 -18.43 -12.02 2.96
CA TRP A 270 -17.89 -13.30 3.45
C TRP A 270 -19.04 -14.21 3.84
N GLN A 271 -19.16 -15.34 3.15
CA GLN A 271 -20.24 -16.29 3.34
C GLN A 271 -19.65 -17.54 3.98
N ASN A 272 -20.18 -17.94 5.13
CA ASN A 272 -19.69 -19.14 5.84
C ASN A 272 -20.89 -19.77 6.55
N TRP A 273 -21.72 -20.44 5.76
CA TRP A 273 -22.99 -20.97 6.21
C TRP A 273 -22.91 -22.49 6.28
N THR A 274 -23.22 -23.04 7.45
CA THR A 274 -23.34 -24.47 7.64
C THR A 274 -24.69 -24.79 8.28
N PHE A 275 -25.30 -25.86 7.78
CA PHE A 275 -26.59 -26.25 8.31
C PHE A 275 -26.36 -26.92 9.66
N GLY A 276 -25.37 -27.81 9.73
CA GLY A 276 -24.89 -28.21 11.05
C GLY A 276 -24.19 -29.54 11.24
N GLY A 277 -24.39 -30.49 10.33
CA GLY A 277 -23.72 -31.77 10.47
C GLY A 277 -22.30 -31.76 9.92
N GLY A 278 -21.41 -32.52 10.59
CA GLY A 278 -20.02 -32.65 10.18
C GLY A 278 -19.18 -31.44 10.56
N ILE A 279 -18.02 -31.31 9.93
CA ILE A 279 -17.10 -30.22 10.22
C ILE A 279 -16.85 -29.41 8.97
N VAL A 280 -17.08 -28.10 9.06
CA VAL A 280 -16.87 -27.15 7.97
C VAL A 280 -15.87 -26.13 8.48
N ASN A 281 -14.58 -26.37 8.24
CA ASN A 281 -13.51 -25.52 8.78
C ASN A 281 -13.06 -24.53 7.71
N ALA A 282 -13.58 -23.31 7.78
CA ALA A 282 -13.40 -22.32 6.72
C ALA A 282 -12.59 -21.14 7.25
N VAL A 283 -11.52 -20.81 6.51
CA VAL A 283 -10.62 -19.71 6.88
C VAL A 283 -10.93 -18.50 6.00
N ASN A 284 -11.18 -17.35 6.65
CA ASN A 284 -11.37 -16.08 5.92
C ASN A 284 -9.99 -15.43 5.75
N GLY A 285 -9.32 -15.80 4.67
CA GLY A 285 -7.94 -15.43 4.44
C GLY A 285 -7.76 -14.00 3.99
N SER A 286 -6.53 -13.72 3.51
CA SER A 286 -6.08 -12.37 3.19
C SER A 286 -6.73 -11.88 1.90
N GLY A 287 -7.49 -10.80 1.98
CA GLY A 287 -8.05 -10.16 0.81
C GLY A 287 -9.23 -10.90 0.23
N GLY A 288 -9.11 -11.38 -1.01
CA GLY A 288 -10.14 -12.17 -1.65
C GLY A 288 -9.96 -13.67 -1.55
N ASN A 289 -8.99 -14.15 -0.77
CA ASN A 289 -8.71 -15.58 -0.62
C ASN A 289 -9.53 -16.19 0.53
N TYR A 290 -9.95 -17.43 0.35
CA TYR A 290 -10.52 -18.21 1.43
C TYR A 290 -10.15 -19.66 1.22
N SER A 291 -10.25 -20.44 2.29
CA SER A 291 -10.07 -21.89 2.21
C SER A 291 -11.18 -22.58 2.99
N VAL A 292 -11.52 -23.78 2.58
CA VAL A 292 -12.42 -24.59 3.38
C VAL A 292 -11.90 -26.02 3.44
N ASN A 293 -11.96 -26.60 4.63
CA ASN A 293 -11.80 -28.02 4.85
C ASN A 293 -13.09 -28.55 5.48
N TRP A 294 -13.72 -29.51 4.82
CA TRP A 294 -14.98 -30.06 5.27
C TRP A 294 -14.94 -31.58 5.25
N SER A 295 -15.76 -32.21 6.11
CA SER A 295 -15.86 -33.67 6.10
C SER A 295 -17.17 -34.15 6.73
N ASN A 296 -17.78 -35.15 6.09
CA ASN A 296 -19.02 -35.80 6.52
C ASN A 296 -20.10 -34.81 6.92
N THR A 297 -20.35 -33.85 6.03
CA THR A 297 -21.22 -32.71 6.29
C THR A 297 -22.63 -32.96 5.79
N GLY A 298 -23.54 -32.08 6.20
CA GLY A 298 -24.80 -31.87 5.50
C GLY A 298 -24.60 -30.72 4.54
N ASN A 299 -25.58 -29.85 4.37
CA ASN A 299 -25.43 -28.73 3.43
C ASN A 299 -24.57 -27.62 4.02
N PHE A 300 -23.63 -27.12 3.22
CA PHE A 300 -22.86 -25.94 3.58
C PHE A 300 -22.51 -25.17 2.30
N VAL A 301 -22.32 -23.87 2.48
CA VAL A 301 -21.84 -23.01 1.40
C VAL A 301 -20.88 -21.98 1.98
N VAL A 302 -19.73 -21.83 1.34
CA VAL A 302 -18.64 -20.97 1.81
C VAL A 302 -18.03 -20.25 0.61
N GLY A 303 -17.88 -18.94 0.71
CA GLY A 303 -17.39 -18.17 -0.43
C GLY A 303 -17.21 -16.70 -0.10
N LYS A 304 -16.67 -15.98 -1.08
CA LYS A 304 -16.42 -14.55 -1.01
C LYS A 304 -16.98 -13.90 -2.26
N GLY A 305 -17.38 -12.64 -2.14
CA GLY A 305 -18.05 -11.95 -3.22
C GLY A 305 -18.55 -10.57 -2.83
N TRP A 306 -19.83 -10.29 -3.08
CA TRP A 306 -20.38 -8.94 -2.95
C TRP A 306 -21.70 -8.97 -2.20
N THR A 307 -21.92 -7.94 -1.37
CA THR A 307 -23.14 -7.85 -0.58
C THR A 307 -24.35 -7.48 -1.42
N THR A 308 -24.14 -6.79 -2.54
CA THR A 308 -25.20 -6.55 -3.51
C THR A 308 -24.68 -6.93 -4.89
N GLY A 309 -25.37 -7.89 -5.53
CA GLY A 309 -24.97 -8.32 -6.85
C GLY A 309 -25.62 -7.50 -7.95
N SER A 310 -24.97 -7.50 -9.12
CA SER A 310 -25.43 -6.76 -10.28
C SER A 310 -25.09 -7.53 -11.55
N PRO A 311 -26.00 -7.58 -12.52
CA PRO A 311 -25.82 -8.46 -13.68
C PRO A 311 -24.76 -8.04 -14.69
N PHE A 312 -23.95 -7.02 -14.44
CA PHE A 312 -22.95 -6.62 -15.40
C PHE A 312 -21.54 -6.95 -14.96
N ARG A 313 -21.37 -7.52 -13.77
CA ARG A 313 -20.06 -7.72 -13.17
C ARG A 313 -19.41 -8.99 -13.67
N THR A 314 -18.16 -8.85 -14.07
CA THR A 314 -17.25 -9.95 -14.32
C THR A 314 -16.65 -10.46 -13.01
N ILE A 315 -16.41 -11.77 -12.94
CA ILE A 315 -15.86 -12.38 -11.73
C ILE A 315 -14.64 -13.19 -12.11
N ASN A 316 -13.52 -12.90 -11.45
CA ASN A 316 -12.29 -13.65 -11.61
C ASN A 316 -12.03 -14.49 -10.37
N TYR A 317 -11.31 -15.59 -10.56
CA TYR A 317 -11.03 -16.48 -9.44
C TYR A 317 -9.89 -17.41 -9.80
N ASN A 318 -9.35 -18.06 -8.76
CA ASN A 318 -8.28 -19.02 -8.92
C ASN A 318 -8.52 -20.14 -7.91
N ALA A 319 -8.74 -21.36 -8.38
CA ALA A 319 -8.88 -22.49 -7.49
C ALA A 319 -7.52 -23.18 -7.34
N GLY A 320 -6.69 -22.59 -6.48
CA GLY A 320 -5.42 -23.22 -6.17
C GLY A 320 -5.60 -24.65 -5.72
N VAL A 321 -6.65 -24.92 -4.95
CA VAL A 321 -7.04 -26.28 -4.61
C VAL A 321 -8.52 -26.44 -4.91
N TRP A 322 -8.87 -27.53 -5.59
CA TRP A 322 -10.27 -27.94 -5.73
C TRP A 322 -10.29 -29.45 -5.57
N ALA A 323 -10.41 -29.91 -4.33
CA ALA A 323 -10.24 -31.33 -3.99
C ALA A 323 -11.48 -31.89 -3.31
N PRO A 324 -12.61 -31.98 -4.01
CA PRO A 324 -13.79 -32.57 -3.37
C PRO A 324 -13.71 -34.10 -3.33
N ASN A 325 -14.25 -34.67 -2.25
CA ASN A 325 -14.40 -36.12 -2.08
C ASN A 325 -15.90 -36.40 -1.93
N GLY A 326 -16.61 -36.46 -3.04
CA GLY A 326 -18.04 -36.52 -3.06
C GLY A 326 -18.66 -35.24 -3.60
N ASN A 327 -19.93 -35.03 -3.26
CA ASN A 327 -20.73 -33.94 -3.79
C ASN A 327 -20.30 -32.60 -3.21
N GLY A 328 -19.78 -31.73 -4.08
CA GLY A 328 -19.43 -30.36 -3.78
C GLY A 328 -19.32 -29.55 -5.06
N TYR A 329 -19.94 -28.39 -5.11
CA TYR A 329 -19.92 -27.54 -6.30
C TYR A 329 -18.93 -26.39 -6.10
N LEU A 330 -18.00 -26.21 -7.05
CA LEU A 330 -17.26 -24.96 -7.19
C LEU A 330 -17.99 -24.09 -8.21
N THR A 331 -18.66 -23.03 -7.73
CA THR A 331 -19.66 -22.32 -8.54
C THR A 331 -19.86 -20.89 -8.03
N LEU A 332 -20.40 -20.05 -8.92
CA LEU A 332 -20.91 -18.73 -8.52
C LEU A 332 -22.36 -18.85 -8.08
N TYR A 333 -22.72 -18.13 -7.01
CA TYR A 333 -23.96 -18.39 -6.28
C TYR A 333 -24.58 -17.08 -5.81
N GLY A 334 -25.89 -16.92 -6.03
CA GLY A 334 -26.56 -15.70 -5.63
C GLY A 334 -28.07 -15.83 -5.50
N TRP A 335 -28.66 -14.84 -4.87
CA TRP A 335 -30.11 -14.77 -4.68
C TRP A 335 -30.66 -13.46 -5.25
N THR A 336 -31.98 -13.38 -5.32
CA THR A 336 -32.69 -12.13 -5.61
C THR A 336 -33.97 -12.07 -4.79
N ARG A 337 -34.62 -10.91 -4.85
CA ARG A 337 -35.97 -10.77 -4.34
C ARG A 337 -36.81 -10.06 -5.41
N SER A 338 -38.12 -10.31 -5.33
CA SER A 338 -39.10 -9.74 -6.26
C SER A 338 -38.71 -9.98 -7.71
N PRO A 339 -38.72 -11.24 -8.20
CA PRO A 339 -39.06 -12.47 -7.46
C PRO A 339 -37.86 -13.17 -6.79
N LEU A 340 -38.20 -14.08 -5.87
CA LEU A 340 -37.23 -14.83 -5.06
C LEU A 340 -36.70 -16.03 -5.82
N ILE A 341 -35.58 -15.85 -6.53
CA ILE A 341 -34.95 -16.96 -7.21
C ILE A 341 -33.52 -17.14 -6.68
N GLU A 342 -32.89 -18.25 -7.10
CA GLU A 342 -31.57 -18.67 -6.61
C GLU A 342 -30.78 -19.17 -7.82
N TYR A 343 -29.65 -18.55 -8.11
CA TYR A 343 -28.96 -18.83 -9.36
C TYR A 343 -27.56 -19.37 -9.13
N TYR A 344 -27.05 -20.10 -10.13
CA TYR A 344 -25.78 -20.81 -10.07
C TYR A 344 -25.13 -20.77 -11.45
N VAL A 345 -23.79 -20.64 -11.48
CA VAL A 345 -22.98 -20.91 -12.67
C VAL A 345 -21.88 -21.86 -12.19
N VAL A 346 -22.02 -23.14 -12.50
CA VAL A 346 -21.15 -24.18 -11.95
C VAL A 346 -20.02 -24.46 -12.92
N ASP A 347 -18.78 -24.30 -12.46
CA ASP A 347 -17.61 -24.59 -13.27
C ASP A 347 -16.96 -25.92 -12.96
N SER A 348 -17.19 -26.50 -11.79
CA SER A 348 -16.62 -27.79 -11.46
C SER A 348 -17.39 -28.39 -10.30
N TRP A 349 -17.21 -29.69 -10.10
CA TRP A 349 -17.97 -30.43 -9.11
C TRP A 349 -17.14 -31.63 -8.68
N GLY A 350 -17.67 -32.38 -7.73
CA GLY A 350 -17.01 -33.61 -7.35
C GLY A 350 -17.67 -34.79 -8.02
N THR A 351 -18.22 -35.70 -7.23
CA THR A 351 -18.83 -36.92 -7.73
C THR A 351 -20.25 -36.73 -8.25
N TYR A 352 -20.72 -35.51 -8.51
CA TYR A 352 -22.11 -35.38 -8.98
C TYR A 352 -22.33 -34.06 -9.70
N ARG A 353 -22.95 -34.15 -10.90
CA ARG A 353 -23.21 -32.98 -11.69
C ARG A 353 -24.66 -32.55 -11.52
N PRO A 354 -24.94 -31.31 -11.11
CA PRO A 354 -26.32 -30.90 -10.89
C PRO A 354 -27.10 -30.81 -12.19
N THR A 355 -28.43 -30.74 -12.07
CA THR A 355 -29.31 -30.87 -13.22
C THR A 355 -30.71 -30.31 -12.91
N GLY A 356 -31.52 -30.26 -13.97
CA GLY A 356 -32.90 -29.80 -13.94
C GLY A 356 -33.56 -29.91 -15.30
N THR A 357 -34.57 -29.09 -15.60
CA THR A 357 -35.17 -29.09 -16.94
C THR A 357 -34.25 -28.36 -17.92
N TYR A 358 -33.85 -29.06 -18.98
CA TYR A 358 -32.92 -28.51 -19.96
C TYR A 358 -33.63 -27.50 -20.87
N LYS A 359 -33.05 -26.30 -20.96
CA LYS A 359 -33.62 -25.21 -21.74
C LYS A 359 -32.71 -24.68 -22.84
N GLY A 360 -31.42 -24.99 -22.81
CA GLY A 360 -30.52 -24.51 -23.84
C GLY A 360 -29.04 -24.59 -23.53
N THR A 361 -28.29 -23.58 -23.95
CA THR A 361 -26.84 -23.58 -23.77
C THR A 361 -26.36 -22.14 -23.86
N VAL A 362 -25.16 -21.89 -23.33
CA VAL A 362 -24.40 -20.67 -23.56
C VAL A 362 -22.94 -21.05 -23.75
N LYS A 363 -22.26 -20.32 -24.63
CA LYS A 363 -20.81 -20.39 -24.75
C LYS A 363 -20.21 -19.17 -24.05
N SER A 364 -19.13 -19.39 -23.30
CA SER A 364 -18.52 -18.31 -22.55
C SER A 364 -17.18 -18.77 -21.98
N ASP A 365 -16.24 -17.82 -21.96
CA ASP A 365 -14.95 -17.99 -21.29
C ASP A 365 -14.24 -19.28 -21.72
N GLY A 366 -14.45 -19.70 -22.97
CA GLY A 366 -13.78 -20.86 -23.51
C GLY A 366 -14.40 -22.20 -23.17
N GLY A 367 -15.69 -22.23 -22.82
CA GLY A 367 -16.39 -23.46 -22.50
C GLY A 367 -17.88 -23.25 -22.69
N THR A 368 -18.62 -24.35 -22.72
CA THR A 368 -20.05 -24.29 -22.99
C THR A 368 -20.84 -24.84 -21.80
N TYR A 369 -21.93 -24.16 -21.47
CA TYR A 369 -22.72 -24.46 -20.27
C TYR A 369 -24.12 -24.90 -20.69
N ASP A 370 -24.71 -25.77 -19.88
CA ASP A 370 -26.11 -26.15 -20.06
C ASP A 370 -26.96 -25.28 -19.13
N ILE A 371 -28.13 -24.89 -19.61
CA ILE A 371 -29.05 -24.09 -18.81
C ILE A 371 -30.13 -25.02 -18.25
N TYR A 372 -30.45 -24.86 -16.97
CA TYR A 372 -31.37 -25.75 -16.28
C TYR A 372 -32.28 -24.90 -15.40
N THR A 373 -33.33 -25.52 -14.91
CA THR A 373 -34.19 -24.86 -13.94
C THR A 373 -34.86 -25.92 -13.09
N THR A 374 -35.05 -25.59 -11.82
CA THR A 374 -35.77 -26.42 -10.86
C THR A 374 -36.68 -25.49 -10.07
N THR A 375 -37.54 -26.06 -9.23
CA THR A 375 -38.50 -25.29 -8.44
C THR A 375 -38.59 -25.94 -7.07
N ARG A 376 -38.08 -25.25 -6.04
CA ARG A 376 -38.14 -25.76 -4.69
C ARG A 376 -39.44 -25.31 -4.02
N TYR A 377 -39.89 -26.13 -3.06
CA TYR A 377 -41.11 -25.88 -2.30
C TYR A 377 -40.97 -26.56 -0.95
N ASN A 378 -41.45 -25.90 0.11
CA ASN A 378 -41.11 -26.28 1.48
C ASN A 378 -39.60 -26.34 1.66
N ALA A 379 -38.89 -25.34 1.12
CA ALA A 379 -37.45 -25.41 1.02
C ALA A 379 -36.78 -24.20 1.66
N PRO A 380 -35.56 -24.39 2.19
CA PRO A 380 -34.87 -23.27 2.84
C PRO A 380 -34.47 -22.20 1.86
N SER A 381 -34.66 -20.94 2.27
CA SER A 381 -34.34 -19.78 1.43
C SER A 381 -33.46 -18.79 2.17
N ILE A 382 -33.36 -17.56 1.66
CA ILE A 382 -32.86 -16.45 2.46
C ILE A 382 -33.99 -15.72 3.17
N ASP A 383 -35.23 -15.92 2.74
CA ASP A 383 -36.39 -15.24 3.30
C ASP A 383 -36.97 -16.00 4.49
N GLY A 384 -37.28 -17.28 4.32
CA GLY A 384 -37.77 -18.11 5.40
C GLY A 384 -37.28 -19.54 5.25
N ASP A 385 -37.80 -20.46 6.06
CA ASP A 385 -37.36 -21.84 6.04
C ASP A 385 -38.29 -22.75 5.24
N ASP A 386 -39.59 -22.56 5.36
CA ASP A 386 -40.54 -23.27 4.51
C ASP A 386 -41.10 -22.24 3.53
N THR A 387 -40.38 -22.05 2.44
CA THR A 387 -40.81 -21.14 1.38
C THR A 387 -40.68 -21.84 0.04
N THR A 388 -41.17 -21.17 -0.99
CA THR A 388 -41.12 -21.67 -2.36
C THR A 388 -40.36 -20.68 -3.21
N PHE A 389 -39.59 -21.19 -4.17
CA PHE A 389 -38.72 -20.38 -5.01
C PHE A 389 -38.28 -21.20 -6.21
N THR A 390 -37.58 -20.54 -7.14
CA THR A 390 -37.12 -21.17 -8.37
C THR A 390 -35.61 -21.02 -8.47
N GLN A 391 -34.96 -22.01 -9.06
CA GLN A 391 -33.51 -21.98 -9.24
C GLN A 391 -33.15 -21.91 -10.71
N TYR A 392 -32.16 -21.09 -11.04
CA TYR A 392 -31.65 -20.97 -12.39
C TYR A 392 -30.20 -21.46 -12.39
N TRP A 393 -29.92 -22.50 -13.16
CA TRP A 393 -28.60 -23.08 -13.23
C TRP A 393 -28.04 -22.83 -14.62
N SER A 394 -26.74 -22.56 -14.69
CA SER A 394 -25.93 -22.86 -15.86
C SER A 394 -24.78 -23.74 -15.37
N VAL A 395 -24.58 -24.87 -16.04
CA VAL A 395 -23.58 -25.84 -15.59
C VAL A 395 -22.70 -26.19 -16.78
N ARG A 396 -21.39 -26.00 -16.61
CA ARG A 396 -20.44 -26.36 -17.65
C ARG A 396 -20.57 -27.83 -18.03
N GLN A 397 -20.18 -28.15 -19.27
CA GLN A 397 -20.41 -29.51 -19.78
C GLN A 397 -19.29 -30.46 -19.37
N SER A 398 -18.07 -29.98 -19.26
CA SER A 398 -17.01 -30.74 -18.64
C SER A 398 -16.51 -29.95 -17.43
N LYS A 399 -15.64 -30.56 -16.64
CA LYS A 399 -15.11 -29.85 -15.48
C LYS A 399 -14.05 -28.86 -15.95
N ARG A 400 -14.29 -27.57 -15.70
CA ARG A 400 -13.30 -26.57 -16.04
C ARG A 400 -12.01 -26.79 -15.23
N PRO A 401 -10.84 -26.76 -15.87
CA PRO A 401 -9.59 -26.90 -15.11
C PRO A 401 -9.43 -25.82 -14.07
N THR A 402 -8.63 -26.13 -13.05
CA THR A 402 -8.41 -25.26 -11.91
C THR A 402 -6.92 -25.17 -11.64
N GLY A 403 -6.54 -24.14 -10.88
CA GLY A 403 -5.15 -23.84 -10.65
C GLY A 403 -4.60 -22.68 -11.47
N SER A 404 -5.47 -21.93 -12.14
CA SER A 404 -5.05 -20.74 -12.88
C SER A 404 -6.23 -19.79 -12.96
N ASN A 405 -5.91 -18.51 -13.20
CA ASN A 405 -6.93 -17.47 -13.25
C ASN A 405 -8.02 -17.84 -14.25
N ALA A 406 -9.22 -17.32 -13.99
CA ALA A 406 -10.39 -17.76 -14.73
C ALA A 406 -11.46 -16.69 -14.55
N THR A 407 -12.31 -16.57 -15.56
CA THR A 407 -13.34 -15.54 -15.59
C THR A 407 -14.71 -16.20 -15.61
N ILE A 408 -15.70 -15.42 -15.19
CA ILE A 408 -17.11 -15.71 -15.41
C ILE A 408 -17.73 -14.38 -15.79
N THR A 409 -18.03 -14.21 -17.08
CA THR A 409 -18.64 -12.99 -17.61
C THR A 409 -20.14 -13.09 -17.37
N PHE A 410 -20.58 -12.59 -16.22
CA PHE A 410 -21.94 -12.87 -15.78
C PHE A 410 -23.02 -12.24 -16.66
N THR A 411 -22.72 -11.19 -17.42
CA THR A 411 -23.83 -10.64 -18.20
C THR A 411 -24.12 -11.50 -19.42
N ASN A 412 -23.19 -12.37 -19.80
CA ASN A 412 -23.49 -13.45 -20.74
C ASN A 412 -24.60 -14.35 -20.21
N HIS A 413 -24.37 -14.99 -19.05
CA HIS A 413 -25.31 -15.96 -18.52
C HIS A 413 -26.67 -15.33 -18.24
N VAL A 414 -26.70 -14.09 -17.71
CA VAL A 414 -27.97 -13.52 -17.31
C VAL A 414 -28.84 -13.19 -18.52
N ASN A 415 -28.22 -12.74 -19.62
CA ASN A 415 -28.97 -12.42 -20.83
C ASN A 415 -29.58 -13.67 -21.42
N ALA A 416 -28.76 -14.73 -21.59
CA ALA A 416 -29.25 -15.98 -22.12
C ALA A 416 -30.39 -16.56 -21.29
N TRP A 417 -30.43 -16.31 -19.99
CA TRP A 417 -31.55 -16.84 -19.20
C TRP A 417 -32.84 -16.09 -19.51
N LYS A 418 -32.79 -14.75 -19.54
CA LYS A 418 -33.99 -13.99 -19.87
C LYS A 418 -34.48 -14.31 -21.27
N SER A 419 -33.57 -14.75 -22.15
CA SER A 419 -33.97 -15.29 -23.44
C SER A 419 -34.93 -16.46 -23.28
N HIS A 420 -34.52 -17.44 -22.50
CA HIS A 420 -35.29 -18.65 -22.34
C HIS A 420 -36.40 -18.51 -21.33
N GLY A 421 -36.74 -17.27 -21.01
CA GLY A 421 -37.80 -17.01 -20.07
C GLY A 421 -37.38 -16.97 -18.63
N MET A 422 -36.09 -17.08 -18.39
CA MET A 422 -35.60 -17.05 -17.03
C MET A 422 -35.13 -15.66 -16.74
N ASN A 423 -35.87 -14.94 -15.91
CA ASN A 423 -35.52 -13.58 -15.57
C ASN A 423 -35.47 -13.36 -14.07
N LEU A 424 -34.39 -12.73 -13.62
CA LEU A 424 -34.15 -12.44 -12.23
C LEU A 424 -34.92 -11.28 -11.64
N SER A 426 -35.99 -8.03 -9.02
CA SER A 426 -35.59 -6.64 -8.81
C SER A 426 -34.70 -6.32 -7.63
N ASN A 427 -34.96 -6.91 -6.48
CA ASN A 427 -34.18 -6.59 -5.30
C ASN A 427 -33.03 -7.55 -5.15
N TRP A 428 -31.85 -7.12 -5.58
CA TRP A 428 -30.69 -7.97 -5.54
C TRP A 428 -30.11 -8.28 -4.19
N ALA A 429 -29.60 -9.50 -4.07
CA ALA A 429 -28.94 -9.96 -2.86
C ALA A 429 -27.50 -10.40 -3.20
N TYR A 430 -26.81 -10.99 -2.22
CA TYR A 430 -25.36 -11.23 -2.36
C TYR A 430 -25.08 -12.16 -3.52
N GLN A 431 -23.89 -12.05 -4.08
CA GLN A 431 -23.39 -13.00 -5.04
C GLN A 431 -21.94 -13.30 -4.67
N VAL A 432 -21.62 -14.60 -4.54
CA VAL A 432 -20.31 -15.01 -4.09
C VAL A 432 -19.81 -16.11 -5.01
N MET A 433 -18.50 -16.27 -5.06
CA MET A 433 -17.84 -17.37 -5.76
C MET A 433 -17.58 -18.45 -4.72
N ALA A 434 -18.40 -19.50 -4.73
CA ALA A 434 -18.59 -20.32 -3.55
C ALA A 434 -18.12 -21.76 -3.73
N THR A 435 -17.82 -22.37 -2.60
CA THR A 435 -17.78 -23.81 -2.46
C THR A 435 -19.07 -24.24 -1.77
N GLU A 436 -19.86 -25.07 -2.45
CA GLU A 436 -21.03 -25.70 -1.83
C GLU A 436 -20.75 -27.18 -1.65
N GLY A 437 -21.35 -27.77 -0.62
CA GLY A 437 -21.25 -29.21 -0.43
C GLY A 437 -22.48 -29.82 0.20
N TYR A 438 -22.53 -31.15 0.14
CA TYR A 438 -23.61 -31.93 0.72
C TYR A 438 -23.14 -33.36 0.85
N GLN A 439 -23.20 -33.90 2.07
CA GLN A 439 -22.84 -35.30 2.36
C GLN A 439 -21.53 -35.73 1.73
N SER A 440 -20.47 -34.95 1.98
CA SER A 440 -19.18 -35.16 1.36
C SER A 440 -18.05 -34.69 2.27
N SER A 441 -16.83 -34.95 1.83
CA SER A 441 -15.64 -34.36 2.41
C SER A 441 -14.84 -33.72 1.30
N GLY A 442 -13.93 -32.83 1.66
CA GLY A 442 -13.03 -32.30 0.65
C GLY A 442 -12.28 -31.09 1.16
N SER A 443 -11.67 -30.40 0.20
CA SER A 443 -10.91 -29.20 0.49
C SER A 443 -10.87 -28.33 -0.75
N SER A 444 -10.85 -27.02 -0.53
CA SER A 444 -10.69 -26.10 -1.63
C SER A 444 -9.91 -24.88 -1.16
N ASN A 445 -9.36 -24.15 -2.10
CA ASN A 445 -8.72 -22.88 -1.79
C ASN A 445 -8.89 -22.00 -3.01
N VAL A 446 -9.49 -20.84 -2.81
CA VAL A 446 -9.95 -20.02 -3.93
C VAL A 446 -9.65 -18.56 -3.61
N THR A 447 -9.27 -17.79 -4.62
CA THR A 447 -9.16 -16.33 -4.52
C THR A 447 -10.07 -15.69 -5.55
N VAL A 448 -10.71 -14.60 -5.15
CA VAL A 448 -11.86 -14.03 -5.83
C VAL A 448 -11.63 -12.52 -5.97
N TRP A 449 -11.94 -11.96 -7.15
CA TRP A 449 -11.77 -10.52 -7.36
C TRP A 449 -12.51 -10.08 -8.60
N GLY A 450 -13.09 -8.87 -8.54
CA GLY A 450 -13.62 -8.18 -9.70
C GLY A 450 -12.55 -7.75 -10.69
N SER A 451 -12.83 -6.71 -11.48
CA SER A 451 -11.82 -6.10 -12.32
C SER A 451 -11.98 -4.58 -12.26
N SER A 452 -10.88 -3.87 -12.47
CA SER A 452 -10.83 -2.44 -12.23
C SER A 452 -10.58 -1.67 -13.54
N LYS A 453 -10.82 -0.37 -13.44
CA LYS A 453 -10.54 0.57 -14.52
C LYS A 453 -9.14 1.17 -14.41
N ARG A 454 -8.39 0.85 -13.37
CA ARG A 454 -7.06 1.41 -13.16
C ARG A 454 -5.98 0.35 -13.29
N LYS A 455 -4.86 0.73 -13.88
CA LYS A 455 -3.90 -0.24 -14.37
C LYS A 455 -3.01 -0.73 -13.25
N LYS A 456 -2.57 -1.99 -13.38
CA LYS A 456 -1.72 -2.62 -12.35
C LYS A 456 -0.46 -1.80 -12.11
N SER A 457 0.02 -1.10 -13.13
CA SER A 457 1.21 -0.27 -12.99
C SER A 457 0.98 0.92 -12.05
N GLU A 458 -0.21 1.49 -12.08
CA GLU A 458 -0.46 2.61 -11.19
C GLU A 458 -0.86 2.16 -9.81
N LYS A 459 -1.45 0.95 -9.68
CA LYS A 459 -1.63 0.33 -8.37
C LYS A 459 -0.29 0.11 -7.68
N LYS A 460 0.72 -0.31 -8.44
CA LYS A 460 2.03 -0.58 -7.87
C LYS A 460 2.74 0.70 -7.44
N VAL A 461 2.64 1.78 -8.22
CA VAL A 461 3.26 3.05 -7.82
C VAL A 461 2.58 3.60 -6.57
N THR A 462 1.24 3.65 -6.57
CA THR A 462 0.49 4.09 -5.40
C THR A 462 0.83 3.27 -4.14
N ARG A 463 0.99 1.95 -4.28
CA ARG A 463 1.43 1.17 -3.13
C ARG A 463 2.82 1.61 -2.66
N MET A 464 3.75 1.77 -3.60
CA MET A 464 5.13 2.08 -3.24
C MET A 464 5.24 3.36 -2.43
N VAL A 465 4.54 4.42 -2.84
CA VAL A 465 4.63 5.68 -2.08
C VAL A 465 4.16 5.47 -0.63
N SER A 466 3.12 4.66 -0.43
CA SER A 466 2.66 4.41 0.93
C SER A 466 3.74 3.76 1.79
N ILE A 467 4.55 2.87 1.20
CA ILE A 467 5.60 2.23 1.97
C ILE A 467 6.74 3.21 2.22
N VAL A 468 7.05 4.04 1.24
CA VAL A 468 8.03 5.12 1.45
C VAL A 468 7.57 6.03 2.58
N VAL A 469 6.26 6.28 2.67
CA VAL A 469 5.76 7.12 3.75
C VAL A 469 5.87 6.42 5.09
N ALA A 470 5.62 5.10 5.13
CA ALA A 470 5.71 4.40 6.41
C ALA A 470 7.15 4.33 6.90
N VAL A 471 8.12 4.20 5.99
CA VAL A 471 9.53 4.20 6.40
C VAL A 471 9.95 5.58 6.88
N PHE A 472 9.49 6.64 6.21
CA PHE A 472 9.75 8.01 6.69
C PHE A 472 9.35 8.18 8.17
N ILE A 473 8.14 7.72 8.50
CA ILE A 473 7.64 7.84 9.86
C ILE A 473 8.55 7.09 10.83
N PHE A 474 8.97 5.90 10.45
CA PHE A 474 9.79 5.11 11.34
C PHE A 474 11.11 5.81 11.63
N CYS A 475 11.69 6.48 10.63
CA CYS A 475 13.00 7.11 10.85
C CYS A 475 12.92 8.47 11.51
N TRP A 476 11.83 9.23 11.38
CA TRP A 476 11.82 10.60 11.89
C TRP A 476 11.08 10.78 13.22
N LEU A 477 10.29 9.78 13.64
CA LEU A 477 9.57 9.90 14.92
C LEU A 477 10.48 9.86 16.13
N PRO A 478 11.40 8.89 16.31
CA PRO A 478 12.32 8.97 17.47
C PRO A 478 12.98 10.34 17.61
N PHE A 479 13.38 10.93 16.48
CA PHE A 479 14.03 12.24 16.47
C PHE A 479 13.13 13.30 17.07
N TYR A 480 11.88 13.38 16.59
CA TYR A 480 10.99 14.41 17.08
C TYR A 480 10.58 14.15 18.52
N ILE A 481 10.45 12.87 18.91
CA ILE A 481 10.14 12.58 20.30
C ILE A 481 11.27 13.05 21.21
N PHE A 482 12.51 12.80 20.81
CA PHE A 482 13.64 13.30 21.58
C PHE A 482 13.62 14.83 21.67
N ASN A 483 13.41 15.50 20.53
CA ASN A 483 13.45 16.95 20.51
C ASN A 483 12.40 17.53 21.45
N VAL A 484 11.18 16.98 21.41
CA VAL A 484 10.12 17.47 22.29
C VAL A 484 10.51 17.25 23.76
N SER A 485 11.16 16.12 24.05
CA SER A 485 11.76 15.93 25.38
C SER A 485 12.77 17.02 25.70
N SER A 486 13.69 17.32 24.77
CA SER A 486 14.83 18.19 25.09
C SER A 486 14.36 19.55 25.56
N VAL A 487 13.19 19.94 25.14
CA VAL A 487 12.64 21.20 25.53
C VAL A 487 12.49 21.19 27.02
N SER A 488 12.20 20.02 27.56
CA SER A 488 11.94 19.91 28.98
C SER A 488 13.18 19.79 29.84
N MET A 489 14.10 20.72 29.69
CA MET A 489 15.29 20.79 30.55
C MET A 489 16.03 19.48 30.72
N ALA A 490 16.36 18.82 29.63
CA ALA A 490 17.00 17.54 29.72
C ALA A 490 18.51 17.61 29.66
N ILE A 491 19.08 18.79 29.91
CA ILE A 491 20.51 18.92 29.77
C ILE A 491 21.31 18.33 30.91
N SER A 492 21.47 17.03 30.83
CA SER A 492 22.24 16.21 31.72
C SER A 492 22.94 15.37 30.68
N PRO A 493 23.92 15.93 29.97
CA PRO A 493 24.51 15.12 28.92
C PRO A 493 25.23 13.98 29.52
N THR A 494 24.78 12.81 29.12
CA THR A 494 25.25 11.57 29.63
C THR A 494 25.58 10.72 28.46
N PRO A 495 26.44 9.73 28.66
CA PRO A 495 26.80 8.76 27.66
C PRO A 495 25.56 8.01 27.23
N ALA A 496 24.68 7.65 28.14
CA ALA A 496 23.45 6.98 27.79
C ALA A 496 22.54 7.86 26.94
N LEU A 497 22.40 9.14 27.29
CA LEU A 497 21.55 10.03 26.51
C LEU A 497 22.28 10.69 25.37
N LYS A 498 23.61 10.79 25.44
CA LYS A 498 24.35 11.38 24.35
C LYS A 498 24.51 10.43 23.16
N GLY A 499 24.52 9.12 23.43
CA GLY A 499 24.52 8.15 22.36
C GLY A 499 23.12 8.00 21.79
N MET A 500 22.14 8.08 22.70
CA MET A 500 20.73 8.11 22.30
C MET A 500 20.47 9.22 21.29
N PHE A 501 21.06 10.39 21.52
CA PHE A 501 20.87 11.51 20.63
C PHE A 501 21.56 11.28 19.29
N ASP A 502 22.83 10.85 19.33
CA ASP A 502 23.56 10.55 18.10
C ASP A 502 22.88 9.45 17.30
N PHE A 503 22.32 8.46 17.98
CA PHE A 503 21.61 7.41 17.26
C PHE A 503 20.34 7.96 16.63
N VAL A 504 19.50 8.60 17.44
CA VAL A 504 18.20 9.06 16.98
C VAL A 504 18.34 10.07 15.84
N VAL A 505 19.49 10.73 15.73
CA VAL A 505 19.74 11.60 14.58
C VAL A 505 20.21 10.82 13.36
N VAL A 506 21.11 9.85 13.53
CA VAL A 506 21.60 9.14 12.34
C VAL A 506 20.47 8.35 11.70
N LEU A 507 19.44 8.01 12.50
CA LEU A 507 18.26 7.34 11.96
C LEU A 507 17.48 8.23 10.99
N THR A 508 17.49 9.56 11.18
CA THR A 508 16.89 10.42 10.16
C THR A 508 17.69 10.39 8.85
N TYR A 509 19.02 10.31 8.94
CA TYR A 509 19.85 10.25 7.74
C TYR A 509 19.71 8.90 7.03
N ALA A 510 19.69 7.81 7.79
CA ALA A 510 19.47 6.49 7.19
C ALA A 510 18.14 6.38 6.45
N ASN A 511 17.21 7.31 6.67
CA ASN A 511 16.00 7.35 5.84
C ASN A 511 16.33 7.60 4.37
N SER A 512 17.39 8.36 4.07
CA SER A 512 17.76 8.58 2.67
C SER A 512 18.43 7.38 2.02
N CYS A 513 18.99 6.43 2.79
CA CYS A 513 19.50 5.19 2.22
C CYS A 513 18.41 4.20 1.86
N ALA A 514 17.29 4.20 2.61
CA ALA A 514 16.27 3.18 2.41
C ALA A 514 15.50 3.41 1.12
N ASN A 515 15.33 4.66 0.69
CA ASN A 515 14.45 4.93 -0.46
C ASN A 515 14.91 4.24 -1.72
N PRO A 516 16.17 4.39 -2.17
CA PRO A 516 16.59 3.66 -3.39
C PRO A 516 16.41 2.16 -3.29
N ILE A 517 16.72 1.55 -2.15
CA ILE A 517 16.46 0.13 -1.97
C ILE A 517 14.96 -0.19 -2.06
N LEU A 518 14.12 0.71 -1.53
CA LEU A 518 12.67 0.52 -1.62
C LEU A 518 12.20 0.46 -3.07
N TYR A 519 12.68 1.40 -3.90
CA TYR A 519 12.32 1.42 -5.31
C TYR A 519 12.75 0.16 -6.05
N ALA A 520 13.88 -0.43 -5.68
CA ALA A 520 14.36 -1.62 -6.37
C ALA A 520 13.45 -2.83 -6.16
N PHE A 521 12.74 -2.90 -5.02
CA PHE A 521 11.87 -4.04 -4.73
C PHE A 521 10.40 -3.76 -5.00
N LEU A 522 10.02 -2.50 -5.16
CA LEU A 522 8.62 -2.15 -5.29
C LEU A 522 8.28 -1.48 -6.61
N ASP A 523 9.27 -1.22 -7.44
CA ASP A 523 9.03 -0.68 -8.77
C ASP A 523 9.80 -1.54 -9.75
N ASP A 524 9.14 -2.00 -10.81
CA ASP A 524 9.83 -2.84 -11.78
C ASP A 524 10.77 -2.03 -12.65
N ASN A 525 10.40 -0.81 -12.99
CA ASN A 525 11.25 -0.02 -13.86
C ASN A 525 12.50 0.42 -13.15
N PHE A 526 12.39 0.79 -11.87
CA PHE A 526 13.60 1.07 -11.11
C PHE A 526 14.46 -0.18 -11.01
N LYS A 527 13.83 -1.36 -10.81
CA LYS A 527 14.55 -2.63 -10.71
C LYS A 527 15.25 -2.97 -12.03
N LYS A 528 14.55 -2.81 -13.15
CA LYS A 528 15.17 -3.09 -14.44
C LYS A 528 16.30 -2.12 -14.74
N SER A 529 16.12 -0.83 -14.42
CA SER A 529 17.18 0.16 -14.64
C SER A 529 18.41 -0.12 -13.78
N PHE A 530 18.19 -0.44 -12.49
CA PHE A 530 19.29 -0.77 -11.60
C PHE A 530 20.06 -1.97 -12.10
N GLN A 531 19.36 -3.02 -12.53
CA GLN A 531 20.10 -4.20 -12.96
C GLN A 531 20.81 -3.93 -14.28
N ASN A 532 20.24 -3.05 -15.11
CA ASN A 532 20.94 -2.59 -16.30
C ASN A 532 22.32 -2.01 -15.95
N VAL A 533 22.45 -1.29 -14.84
CA VAL A 533 23.76 -0.73 -14.49
C VAL A 533 24.60 -1.74 -13.73
N LEU A 534 23.99 -2.47 -12.79
CA LEU A 534 24.75 -3.28 -11.85
C LEU A 534 24.99 -4.70 -12.33
N CYS A 535 24.22 -5.19 -13.29
CA CYS A 535 24.32 -6.56 -13.79
C CYS A 535 25.13 -6.58 -15.08
N LEU A 536 26.20 -7.37 -15.11
CA LEU A 536 27.13 -7.39 -16.24
C LEU A 536 26.73 -8.42 -17.30
N VAL A 537 26.88 -8.07 -18.57
CA VAL A 537 26.65 -9.00 -19.67
C VAL A 537 27.96 -9.23 -20.46
N LYS A 538 27.86 -9.73 -21.69
CA LYS A 538 29.06 -9.96 -22.51
C LYS A 538 28.79 -9.82 -24.01
N1 EPE B . -29.21 -21.69 1.98
C2 EPE B . -28.02 -22.52 1.78
C3 EPE B . -28.28 -23.64 0.77
N4 EPE B . -29.51 -24.33 1.08
C5 EPE B . -30.69 -23.54 1.30
C6 EPE B . -30.42 -22.46 2.34
C7 EPE B . -29.64 -25.73 0.73
C8 EPE B . -30.10 -26.55 1.91
O8 EPE B . -31.44 -26.93 1.69
C9 EPE B . -28.93 -20.79 3.11
C10 EPE B . -28.19 -19.58 2.56
S EPE B . -28.45 -18.11 3.58
O1S EPE B . -29.88 -17.83 3.61
O2S EPE B . -27.71 -16.99 3.01
O3S EPE B . -27.98 -18.35 4.94
N12 GI9 C . 18.56 17.35 10.14
C13 GI9 C . 20.79 18.54 23.07
C14 GI9 C . 20.97 19.97 23.12
C15 GI9 C . 19.56 18.15 22.33
C16 GI9 C . 21.29 20.43 21.73
C17 GI9 C . 19.14 19.21 21.33
C18 GI9 C . 21.20 16.73 24.83
C19 GI9 C . 20.36 20.29 19.36
C20 GI9 C . 19.54 20.23 17.07
C22 GI9 C . 20.10 18.63 25.63
C23 GI9 C . 20.94 16.53 26.23
C24 GI9 C . 18.20 21.08 15.18
C25 GI9 C . 21.92 15.67 23.99
C26 GI9 C . 19.88 18.97 16.39
C27 GI9 C . 18.08 22.09 17.42
C28 GI9 C . 21.38 15.23 26.92
C29 GI9 C . 17.13 20.90 14.41
C21 GI9 C . 18.23 20.79 16.65
C30 GI9 C . 21.53 17.71 15.03
C31 GI9 C . 19.21 21.58 14.40
C32 GI9 C . 22.35 14.38 24.64
C33 GI9 C . 21.59 17.96 13.55
C34 GI9 C . 17.46 21.28 13.15
C35 GI9 C . 22.09 14.16 26.12
C36 GI9 C . 20.44 17.17 12.98
C37 GI9 C . 15.72 20.38 14.76
C38 GI9 C . 22.88 17.30 15.58
C39 GI9 C . 19.53 18.10 12.20
C40 GI9 C . 16.39 21.18 12.02
C41 GI9 C . 24.57 15.70 15.97
C42 GI9 C . 14.69 20.28 13.70
C43 GI9 C . 15.03 20.68 12.33
C44 GI9 C . 18.45 17.23 11.57
C45 GI9 C . 24.88 14.25 15.78
C46 GI9 C . 24.62 16.00 17.44
C47 GI9 C . 25.61 16.57 15.30
N06 GI9 C . 20.27 19.99 20.75
N07 GI9 C . 20.69 18.00 24.46
N08 GI9 C . 19.36 19.87 18.45
N09 GI9 C . 20.26 17.71 26.74
N10 GI9 C . 21.11 18.93 15.67
N11 GI9 C . 18.73 21.69 13.14
O01 GI9 C . 21.25 20.91 18.96
O02 GI9 C . 19.58 19.68 25.70
O03 GI9 C . 19.20 18.04 16.46
O04 GI9 C . 23.33 16.01 15.43
O05 GI9 C . 23.55 18.10 16.14
H122 GI9 C . 17.75 17.25 9.77
H121 GI9 C . 18.88 18.15 9.92
H131 GI9 C . 21.56 18.13 22.63
H142 GI9 C . 20.16 20.40 23.43
H141 GI9 C . 21.71 20.18 23.72
H152 GI9 C . 19.72 17.32 21.86
H151 GI9 C . 18.85 18.02 22.97
H162 GI9 C . 21.34 21.39 21.72
H161 GI9 C . 22.15 20.07 21.47
H172 GI9 C . 18.66 18.77 20.61
H171 GI9 C . 18.54 19.83 21.78
H201 GI9 C . 20.25 20.89 16.98
H251 GI9 C . 22.07 15.82 23.08
H271 GI9 C . 17.69 22.76 16.85
H272 GI9 C . 18.95 22.39 17.72
H273 GI9 C . 17.50 21.95 18.19
H281 GI9 C . 21.21 15.11 27.83
H211 GI9 C . 17.52 20.18 16.89
H301 GI9 C . 20.88 17.02 15.21
H311 GI9 C . 20.08 21.79 14.69
H321 GI9 C . 22.80 13.73 24.14
H331 GI9 C . 21.49 18.91 13.36
H332 GI9 C . 22.44 17.63 13.19
H351 GI9 C . 22.36 13.37 26.52
H361 GI9 C . 20.77 16.48 12.39
H362 GI9 C . 19.94 16.77 13.70
H371 GI9 C . 15.51 20.13 15.64
H392 GI9 C . 19.12 18.74 12.80
H391 GI9 C . 20.03 18.56 11.52
H401 GI9 C . 16.61 21.43 11.15
H421 GI9 C . 13.84 19.97 13.90
H431 GI9 C . 14.39 20.63 11.66
H442 GI9 C . 18.60 16.30 11.83
H441 GI9 C . 17.58 17.53 11.85
H451 GI9 C . 24.16 13.82 15.29
H452 GI9 C . 24.97 13.82 16.65
H453 GI9 C . 25.71 14.15 15.29
H462 GI9 C . 23.89 15.54 17.89
H461 GI9 C . 24.53 16.96 17.58
H463 GI9 C . 25.47 15.70 17.81
H473 GI9 C . 25.34 16.75 14.38
H471 GI9 C . 26.47 16.11 15.30
H472 GI9 C . 25.69 17.41 15.78
H081 GI9 C . 18.68 19.42 18.70
H091 GI9 C . 20.00 17.83 27.55
H101 GI9 C . 21.61 19.62 15.65
H111 GI9 C . 19.17 21.98 12.46
#